data_6M40
#
_entry.id   6M40
#
_cell.length_a   42.875
_cell.length_b   58.674
_cell.length_c   191.466
_cell.angle_alpha   90.000
_cell.angle_beta   90.000
_cell.angle_gamma   90.000
#
_symmetry.space_group_name_H-M   'P 21 21 21'
#
_entity_poly.entity_id   1
_entity_poly.type   'polypeptide(L)'
_entity_poly.pdbx_seq_one_letter_code
;QSHLP(MSE)PTTPYDTILKAGVVLQLFSHPGAGKTRAIPEYVRQL(MSE)TWSNRVYVAGPTRVVARE(MSE)LESLQG
TKWVCA(MSE)VKGLPRPHALARVVVTTHQTLLRYALTSGLLFAKDVSYVLDETHVDSAHTKVLRALIHQTVCKEKSKAA
CIE(MSE)TATGRDSTTGEVRVS(MSE)DSNYPIVDRVYNEGVVQAVRKYAETHGPARVAVFVPGLTGKNGAL(MSE)VA
KHIKQTTPYTTIVLSRKTYERNIKLVFKQYPRG(MSE)CVVTTSISECGANYDLDAVFDTCQQYHYLVTAVGTKGVITPS
TQAQTCQRRGRIGRRREGGYYRPANYDITQAPVLDHPDSVTLLEAN(MSE)CLRALDLPEEPCGAAVQQA(MSE)LRLQP
SKDQVYRWLTEQDTETLTEA(MSE)AIYSAEGGRRSREQERAIRNR(MSE)RSYFNDARWERVEDDAELPAVSPGEYIRD
EEGTEVIAGASYVQAPPPYRVRVNQATLLRGSDVKALREEGDRDLAAAIRDEIPEPT
;
_entity_poly.pdbx_strand_id   A
#
# COMPACT_ATOMS: atom_id res chain seq x y z
N ALA A 17 26.07 -11.00 -0.11
CA ALA A 17 25.90 -12.45 0.04
C ALA A 17 24.41 -12.78 0.05
N GLY A 18 24.09 -14.03 0.40
CA GLY A 18 22.71 -14.41 0.63
C GLY A 18 22.13 -13.82 1.89
N VAL A 19 21.70 -12.56 1.80
CA VAL A 19 21.31 -11.77 2.96
C VAL A 19 20.17 -10.86 2.53
N VAL A 20 19.29 -10.53 3.48
CA VAL A 20 18.28 -9.49 3.29
C VAL A 20 18.74 -8.26 4.07
N LEU A 21 18.71 -7.11 3.41
CA LEU A 21 19.30 -5.89 3.96
C LEU A 21 18.27 -4.76 3.90
N GLN A 22 17.72 -4.40 5.05
CA GLN A 22 16.82 -3.26 5.13
C GLN A 22 17.60 -1.96 5.04
N LEU A 23 16.98 -0.95 4.45
CA LEU A 23 17.53 0.41 4.40
C LEU A 23 16.39 1.39 4.66
N PHE A 24 16.41 2.01 5.82
CA PHE A 24 15.37 2.97 6.19
C PHE A 24 15.59 4.25 5.37
N SER A 25 14.83 4.39 4.29
CA SER A 25 14.89 5.55 3.42
C SER A 25 13.68 6.44 3.69
N HIS A 26 13.92 7.72 3.92
CA HIS A 26 12.82 8.61 4.27
C HIS A 26 11.92 8.82 3.05
N PRO A 27 10.67 9.22 3.27
CA PRO A 27 9.69 9.22 2.17
C PRO A 27 10.09 10.22 1.09
N GLY A 28 10.09 9.75 -0.16
CA GLY A 28 10.45 10.59 -1.27
C GLY A 28 11.80 11.22 -1.06
N ALA A 29 12.81 10.39 -0.80
CA ALA A 29 14.16 10.88 -0.67
C ALA A 29 14.85 10.83 -2.02
N GLY A 30 16.08 11.31 -2.08
CA GLY A 30 16.95 11.01 -3.20
C GLY A 30 17.26 9.52 -3.21
N LYS A 31 16.22 8.70 -3.24
CA LYS A 31 16.37 7.27 -3.51
C LYS A 31 16.76 7.08 -4.97
N THR A 32 16.11 7.81 -5.88
CA THR A 32 16.45 7.80 -7.30
C THR A 32 17.95 7.79 -7.53
N ARG A 33 18.67 8.64 -6.81
CA ARG A 33 20.12 8.67 -6.92
C ARG A 33 20.74 7.34 -6.51
N ALA A 34 20.14 6.66 -5.53
CA ALA A 34 20.79 5.52 -4.88
C ALA A 34 20.40 4.16 -5.46
N ILE A 35 19.25 4.02 -6.11
CA ILE A 35 18.83 2.67 -6.48
C ILE A 35 19.65 2.13 -7.64
N PRO A 36 20.02 2.93 -8.65
CA PRO A 36 20.89 2.38 -9.71
C PRO A 36 22.23 1.90 -9.19
N GLU A 37 22.74 2.48 -8.11
CA GLU A 37 23.98 1.97 -7.54
C GLU A 37 23.77 0.63 -6.86
N TYR A 38 22.59 0.38 -6.30
CA TYR A 38 22.33 -0.90 -5.65
C TYR A 38 22.17 -2.02 -6.67
N VAL A 39 21.64 -1.73 -7.85
CA VAL A 39 21.45 -2.79 -8.85
C VAL A 39 22.79 -3.26 -9.39
N ARG A 40 23.73 -2.32 -9.62
CA ARG A 40 25.03 -2.70 -10.16
C ARG A 40 25.89 -3.39 -9.11
N GLN A 41 25.72 -3.03 -7.84
CA GLN A 41 26.42 -3.74 -6.78
C GLN A 41 25.88 -5.16 -6.60
N LEU A 42 24.62 -5.40 -6.98
CA LEU A 42 24.06 -6.75 -6.97
C LEU A 42 24.35 -7.53 -8.24
N THR A 44 27.16 -8.05 -9.00
CA THR A 44 28.40 -8.69 -8.59
C THR A 44 28.32 -10.20 -8.74
N TRP A 45 27.27 -10.81 -8.16
CA TRP A 45 27.16 -12.25 -8.01
C TRP A 45 25.94 -12.87 -8.67
N SER A 46 24.93 -12.08 -9.03
CA SER A 46 23.70 -12.60 -9.60
C SER A 46 23.51 -12.09 -11.03
N ASN A 47 22.61 -12.76 -11.76
CA ASN A 47 22.48 -12.56 -13.19
C ASN A 47 21.28 -11.70 -13.59
N ARG A 48 20.21 -11.67 -12.79
CA ARG A 48 19.10 -10.77 -13.00
C ARG A 48 18.75 -10.11 -11.67
N VAL A 49 18.17 -8.91 -11.74
CA VAL A 49 17.69 -8.22 -10.54
C VAL A 49 16.30 -7.65 -10.84
N TYR A 50 15.34 -7.99 -9.99
CA TYR A 50 13.97 -7.54 -10.13
C TYR A 50 13.73 -6.36 -9.21
N VAL A 51 13.09 -5.33 -9.73
CA VAL A 51 12.80 -4.12 -8.96
C VAL A 51 11.29 -3.93 -8.93
N ALA A 52 10.73 -3.72 -7.76
CA ALA A 52 9.29 -3.66 -7.62
C ALA A 52 8.88 -2.59 -6.62
N GLY A 53 7.75 -1.96 -6.92
CA GLY A 53 7.17 -0.96 -6.05
C GLY A 53 5.67 -1.05 -6.06
N PRO A 54 5.05 -0.51 -5.04
CA PRO A 54 3.62 -0.76 -4.83
C PRO A 54 2.75 -0.43 -6.03
N THR A 55 2.62 0.84 -6.37
CA THR A 55 1.80 1.26 -7.51
C THR A 55 2.66 1.44 -8.75
N ARG A 56 2.00 1.61 -9.90
CA ARG A 56 2.73 1.72 -11.15
C ARG A 56 3.55 3.00 -11.24
N VAL A 57 3.05 4.09 -10.63
CA VAL A 57 3.75 5.36 -10.74
C VAL A 57 5.14 5.27 -10.11
N VAL A 58 5.28 4.53 -9.01
CA VAL A 58 6.60 4.30 -8.44
C VAL A 58 7.42 3.42 -9.38
N ALA A 59 6.77 2.46 -10.03
CA ALA A 59 7.48 1.60 -10.96
C ALA A 59 8.01 2.41 -12.14
N ARG A 60 7.22 3.37 -12.63
CA ARG A 60 7.71 4.28 -13.67
C ARG A 60 8.80 5.21 -13.11
N GLU A 61 8.62 5.72 -11.89
CA GLU A 61 9.67 6.53 -11.29
C GLU A 61 10.98 5.76 -11.19
N LEU A 63 11.79 3.19 -13.09
CA LEU A 63 12.23 3.03 -14.48
C LEU A 63 12.92 4.28 -14.98
N GLU A 64 12.30 5.45 -14.80
CA GLU A 64 12.96 6.70 -15.15
C GLU A 64 14.36 6.73 -14.55
N SER A 65 14.45 6.65 -13.22
CA SER A 65 15.72 6.79 -12.49
C SER A 65 16.72 5.68 -12.78
N LEU A 66 16.45 4.75 -13.68
CA LEU A 66 17.43 3.79 -14.14
C LEU A 66 17.75 3.97 -15.62
N GLN A 67 17.29 5.08 -16.21
CA GLN A 67 17.30 5.22 -17.67
C GLN A 67 18.62 4.74 -18.27
N GLY A 68 19.73 5.29 -17.80
CA GLY A 68 21.02 4.89 -18.34
C GLY A 68 21.63 3.69 -17.65
N THR A 69 21.05 2.50 -17.86
CA THR A 69 21.57 1.28 -17.26
C THR A 69 21.31 0.09 -18.18
N LYS A 70 21.71 0.20 -19.44
CA LYS A 70 21.71 -0.90 -20.42
C LYS A 70 20.47 -1.78 -20.36
N TRP A 71 20.63 -3.07 -20.08
CA TRP A 71 19.57 -4.07 -20.33
C TRP A 71 18.48 -3.99 -19.26
N VAL A 72 17.59 -3.01 -19.39
CA VAL A 72 16.49 -2.81 -18.45
C VAL A 72 15.17 -3.01 -19.15
N CYS A 73 14.34 -3.92 -18.63
CA CYS A 73 13.02 -4.22 -19.18
C CYS A 73 11.95 -3.99 -18.12
N ALA A 74 10.77 -3.59 -18.57
CA ALA A 74 9.64 -3.35 -17.68
C ALA A 74 8.63 -4.49 -17.74
N VAL A 76 4.70 -4.38 -16.83
CA VAL A 76 3.46 -3.75 -16.39
C VAL A 76 2.30 -4.52 -16.99
N LYS A 77 1.66 -5.35 -16.18
CA LYS A 77 0.47 -6.07 -16.61
C LYS A 77 -0.79 -5.31 -16.25
N LEU A 85 14.89 -10.97 -24.27
CA LEU A 85 15.43 -11.34 -22.96
C LEU A 85 15.73 -10.06 -22.19
N ALA A 86 16.21 -10.20 -20.95
CA ALA A 86 16.41 -9.04 -20.10
C ALA A 86 17.38 -9.40 -18.97
N ARG A 87 17.79 -8.38 -18.21
CA ARG A 87 18.68 -8.57 -17.07
C ARG A 87 18.32 -7.74 -15.84
N VAL A 88 17.47 -6.71 -15.96
CA VAL A 88 16.97 -5.96 -14.81
C VAL A 88 15.52 -5.62 -15.13
N VAL A 89 14.59 -6.20 -14.37
CA VAL A 89 13.16 -5.98 -14.58
C VAL A 89 12.64 -5.08 -13.47
N VAL A 90 11.82 -4.10 -13.85
CA VAL A 90 11.10 -3.29 -12.88
C VAL A 90 9.62 -3.52 -13.11
N THR A 91 8.88 -3.66 -12.02
CA THR A 91 7.45 -3.91 -12.08
C THR A 91 6.87 -3.46 -10.74
N THR A 92 5.65 -3.89 -10.46
CA THR A 92 5.00 -3.61 -9.18
C THR A 92 5.09 -4.83 -8.27
N HIS A 93 4.81 -4.61 -6.98
CA HIS A 93 4.74 -5.73 -6.04
C HIS A 93 3.81 -6.81 -6.58
N GLN A 94 2.55 -6.43 -6.80
CA GLN A 94 1.54 -7.38 -7.28
C GLN A 94 2.05 -8.21 -8.44
N THR A 95 2.39 -7.60 -9.57
CA THR A 95 2.64 -8.44 -10.73
C THR A 95 3.99 -9.13 -10.69
N LEU A 96 4.87 -8.80 -9.74
CA LEU A 96 6.03 -9.67 -9.51
C LEU A 96 5.58 -10.94 -8.79
N LEU A 97 4.79 -10.78 -7.73
CA LEU A 97 4.23 -11.95 -7.07
C LEU A 97 3.55 -12.85 -8.09
N ARG A 98 2.70 -12.26 -8.92
CA ARG A 98 2.00 -13.05 -9.92
C ARG A 98 2.96 -13.79 -10.83
N TYR A 99 4.17 -13.27 -11.02
CA TYR A 99 5.14 -13.86 -11.93
C TYR A 99 6.03 -14.88 -11.24
N ALA A 100 6.65 -14.51 -10.12
CA ALA A 100 7.51 -15.46 -9.42
C ALA A 100 6.79 -16.78 -9.17
N LEU A 101 5.48 -16.74 -8.97
CA LEU A 101 4.74 -17.96 -8.67
C LEU A 101 4.48 -18.81 -9.92
N THR A 102 4.40 -18.20 -11.10
CA THR A 102 4.05 -18.94 -12.31
C THR A 102 5.24 -19.35 -13.15
N SER A 103 6.46 -18.99 -12.79
CA SER A 103 7.59 -19.20 -13.69
C SER A 103 8.88 -19.50 -12.93
N GLY A 104 8.89 -20.58 -12.17
CA GLY A 104 10.04 -20.88 -11.36
C GLY A 104 10.44 -19.69 -10.53
N LEU A 105 11.56 -19.06 -10.89
CA LEU A 105 12.07 -17.83 -10.26
C LEU A 105 12.52 -18.07 -8.82
N LEU A 106 11.60 -18.52 -7.97
CA LEU A 106 11.95 -18.79 -6.59
C LEU A 106 12.88 -19.99 -6.48
N PHE A 107 12.78 -20.97 -7.39
CA PHE A 107 13.73 -22.08 -7.42
C PHE A 107 15.09 -21.64 -7.96
N ALA A 108 15.18 -20.46 -8.56
CA ALA A 108 16.46 -19.97 -9.04
C ALA A 108 17.31 -19.52 -7.87
N LYS A 109 18.63 -19.46 -8.10
CA LYS A 109 19.57 -19.03 -7.08
C LYS A 109 20.37 -17.80 -7.52
N ASP A 110 20.02 -17.19 -8.66
CA ASP A 110 20.81 -16.14 -9.27
C ASP A 110 19.98 -14.90 -9.53
N VAL A 111 18.92 -14.69 -8.75
CA VAL A 111 18.02 -13.56 -8.92
C VAL A 111 17.97 -12.80 -7.61
N SER A 112 18.40 -11.54 -7.65
CA SER A 112 18.33 -10.64 -6.51
C SER A 112 17.16 -9.67 -6.72
N TYR A 113 16.61 -9.19 -5.60
CA TYR A 113 15.40 -8.37 -5.61
C TYR A 113 15.70 -7.04 -4.93
N VAL A 114 15.00 -5.99 -5.36
CA VAL A 114 15.00 -4.69 -4.70
C VAL A 114 13.55 -4.27 -4.53
N LEU A 115 13.09 -4.14 -3.30
CA LEU A 115 11.71 -3.83 -3.02
C LEU A 115 11.60 -2.46 -2.35
N ASP A 116 10.70 -1.64 -2.86
CA ASP A 116 10.51 -0.27 -2.40
C ASP A 116 9.13 -0.14 -1.80
N GLU A 117 9.03 0.56 -0.68
CA GLU A 117 7.76 0.75 0.03
C GLU A 117 7.24 -0.57 0.59
N THR A 118 8.15 -1.36 1.16
CA THR A 118 7.75 -2.65 1.73
C THR A 118 6.68 -2.51 2.80
N HIS A 119 6.41 -1.28 3.24
CA HIS A 119 5.52 -0.98 4.35
C HIS A 119 4.07 -0.77 3.90
N VAL A 120 3.71 -1.17 2.69
CA VAL A 120 2.37 -0.91 2.19
C VAL A 120 1.37 -1.90 2.76
N ASP A 121 0.11 -1.48 2.84
CA ASP A 121 -0.98 -2.30 3.35
C ASP A 121 -1.67 -3.03 2.20
N SER A 122 -0.92 -3.98 1.63
CA SER A 122 -1.48 -4.96 0.71
C SER A 122 -1.07 -6.34 1.20
N ALA A 123 -1.97 -7.31 1.04
CA ALA A 123 -1.58 -8.69 1.34
C ALA A 123 -0.51 -9.17 0.40
N HIS A 124 -0.46 -8.64 -0.83
CA HIS A 124 0.50 -9.15 -1.80
C HIS A 124 1.91 -8.72 -1.44
N THR A 125 2.08 -7.47 -1.01
CA THR A 125 3.39 -7.06 -0.52
C THR A 125 3.88 -8.01 0.57
N LYS A 126 3.00 -8.36 1.50
CA LYS A 126 3.39 -9.19 2.64
C LYS A 126 3.92 -10.54 2.18
N VAL A 127 3.12 -11.28 1.41
CA VAL A 127 3.55 -12.60 1.00
C VAL A 127 4.76 -12.51 0.09
N LEU A 128 4.82 -11.48 -0.76
CA LEU A 128 6.00 -11.27 -1.58
C LEU A 128 7.24 -11.12 -0.71
N ARG A 129 7.15 -10.28 0.34
CA ARG A 129 8.31 -10.07 1.21
C ARG A 129 8.81 -11.39 1.79
N ALA A 130 7.87 -12.26 2.21
CA ALA A 130 8.24 -13.56 2.77
C ALA A 130 8.90 -14.46 1.73
N LEU A 131 8.41 -14.44 0.49
CA LEU A 131 8.95 -15.33 -0.53
C LEU A 131 10.32 -14.85 -0.99
N ILE A 132 10.52 -13.54 -1.12
CA ILE A 132 11.85 -13.03 -1.43
C ILE A 132 12.81 -13.37 -0.29
N HIS A 133 12.35 -13.23 0.95
CA HIS A 133 13.19 -13.60 2.09
C HIS A 133 13.58 -15.08 2.02
N GLN A 134 12.64 -15.94 1.62
CA GLN A 134 12.91 -17.38 1.58
C GLN A 134 13.90 -17.74 0.47
N THR A 135 13.69 -17.20 -0.74
CA THR A 135 14.54 -17.60 -1.85
C THR A 135 15.90 -16.91 -1.85
N VAL A 136 16.11 -15.93 -0.99
CA VAL A 136 17.37 -15.21 -0.92
C VAL A 136 18.26 -15.75 0.19
N CYS A 137 17.69 -16.09 1.34
CA CYS A 137 18.45 -16.75 2.39
C CYS A 137 18.54 -18.26 2.19
N LYS A 138 17.97 -18.76 1.09
CA LYS A 138 17.99 -20.17 0.73
C LYS A 138 19.39 -20.78 0.83
N GLU A 139 19.44 -22.10 1.01
CA GLU A 139 20.71 -22.80 0.99
C GLU A 139 21.29 -22.80 -0.41
N LYS A 140 22.59 -22.50 -0.50
CA LYS A 140 23.32 -22.35 -1.76
C LYS A 140 22.90 -21.11 -2.53
N SER A 141 22.29 -20.14 -1.87
CA SER A 141 21.85 -18.93 -2.55
C SER A 141 23.05 -18.09 -3.00
N LYS A 142 22.91 -17.45 -4.15
CA LYS A 142 23.88 -16.48 -4.65
C LYS A 142 23.16 -15.23 -5.12
N ALA A 143 22.33 -14.69 -4.23
CA ALA A 143 21.57 -13.47 -4.50
C ALA A 143 21.21 -12.84 -3.16
N ALA A 144 20.86 -11.56 -3.20
CA ALA A 144 20.49 -10.80 -2.02
C ALA A 144 19.21 -10.03 -2.30
N CYS A 145 18.61 -9.49 -1.24
CA CYS A 145 17.47 -8.59 -1.33
C CYS A 145 17.83 -7.27 -0.66
N ILE A 146 17.22 -6.19 -1.14
CA ILE A 146 17.34 -4.89 -0.52
C ILE A 146 15.92 -4.37 -0.27
N GLU A 147 15.55 -4.31 0.99
CA GLU A 147 14.29 -3.72 1.41
C GLU A 147 14.50 -2.25 1.77
N THR A 149 12.08 1.11 3.22
CA THR A 149 10.79 1.52 3.77
C THR A 149 10.97 2.78 4.60
N ALA A 150 9.84 3.42 4.91
CA ALA A 150 9.80 4.53 5.86
C ALA A 150 9.32 4.09 7.24
N THR A 151 9.65 2.85 7.63
CA THR A 151 9.23 2.31 8.94
C THR A 151 10.19 1.22 9.38
N GLU A 159 14.36 -1.81 17.45
CA GLU A 159 14.40 -1.74 15.99
C GLU A 159 13.12 -1.11 15.44
N VAL A 160 12.39 -0.40 16.28
CA VAL A 160 11.12 0.21 15.89
C VAL A 160 11.37 1.65 15.48
N ARG A 161 11.34 1.92 14.18
CA ARG A 161 11.73 3.22 13.64
C ARG A 161 10.76 3.69 12.56
N VAL A 162 10.45 4.98 12.58
CA VAL A 162 9.68 5.64 11.53
C VAL A 162 10.42 6.92 11.14
N SER A 163 10.73 7.06 9.86
CA SER A 163 11.50 8.20 9.37
C SER A 163 10.57 9.35 9.04
N ASP A 165 11.89 12.47 8.16
CA ASP A 165 12.70 13.44 7.44
C ASP A 165 12.24 13.53 5.98
N SER A 166 12.47 14.70 5.38
CA SER A 166 12.12 14.92 3.99
C SER A 166 13.25 15.66 3.29
N ASN A 167 13.10 15.86 1.99
CA ASN A 167 14.07 16.67 1.25
C ASN A 167 14.07 18.11 1.76
N TYR A 168 12.91 18.74 1.78
CA TYR A 168 12.72 20.07 2.32
C TYR A 168 12.12 20.00 3.71
N PRO A 169 12.31 21.03 4.54
CA PRO A 169 11.67 21.03 5.85
C PRO A 169 10.15 20.95 5.72
N ILE A 170 9.52 20.42 6.78
CA ILE A 170 8.07 20.37 6.90
C ILE A 170 7.71 20.93 8.26
N VAL A 171 6.64 21.73 8.30
CA VAL A 171 6.18 22.36 9.53
C VAL A 171 4.97 21.57 10.02
N ASP A 172 5.04 21.12 11.27
CA ASP A 172 3.97 20.36 11.89
C ASP A 172 3.13 21.27 12.76
N ARG A 173 1.84 21.35 12.47
CA ARG A 173 0.90 22.18 13.21
C ARG A 173 -0.27 21.30 13.62
N VAL A 174 -1.19 21.90 14.36
CA VAL A 174 -2.26 21.15 15.02
C VAL A 174 -3.52 21.99 15.01
N TYR A 175 -4.58 21.47 14.40
CA TYR A 175 -5.90 22.07 14.42
C TYR A 175 -6.76 21.34 15.45
N ASN A 176 -7.52 22.11 16.23
CA ASN A 176 -8.38 21.56 17.26
C ASN A 176 -9.86 21.62 16.91
N GLU A 177 -10.20 22.25 15.80
CA GLU A 177 -11.57 22.72 15.56
C GLU A 177 -12.24 22.05 14.37
N GLY A 178 -11.60 21.05 13.77
CA GLY A 178 -12.12 20.43 12.57
C GLY A 178 -11.24 20.73 11.37
N VAL A 179 -11.32 19.83 10.38
CA VAL A 179 -10.41 19.90 9.25
C VAL A 179 -10.84 20.99 8.26
N VAL A 180 -12.14 21.07 7.98
CA VAL A 180 -12.62 22.04 7.00
C VAL A 180 -12.27 23.45 7.44
N GLN A 181 -12.45 23.75 8.73
CA GLN A 181 -12.22 25.12 9.21
C GLN A 181 -10.74 25.44 9.27
N ALA A 182 -9.89 24.43 9.52
CA ALA A 182 -8.45 24.66 9.41
C ALA A 182 -8.03 24.90 7.97
N VAL A 183 -8.77 24.34 7.02
CA VAL A 183 -8.55 24.64 5.62
C VAL A 183 -9.15 25.99 5.24
N ARG A 184 -10.09 26.51 6.02
CA ARG A 184 -10.55 27.88 5.81
C ARG A 184 -9.51 28.87 6.35
N LYS A 185 -9.05 28.64 7.58
CA LYS A 185 -7.96 29.44 8.13
C LYS A 185 -6.82 29.54 7.13
N TYR A 186 -6.41 28.39 6.57
CA TYR A 186 -5.32 28.37 5.59
C TYR A 186 -5.68 29.15 4.33
N ALA A 187 -6.92 29.00 3.85
CA ALA A 187 -7.31 29.64 2.59
C ALA A 187 -7.25 31.16 2.68
N GLU A 188 -7.39 31.72 3.88
CA GLU A 188 -7.42 33.16 4.11
C GLU A 188 -6.08 33.70 4.62
N THR A 189 -5.43 32.96 5.54
CA THR A 189 -4.11 33.38 6.01
C THR A 189 -3.07 33.25 4.91
N HIS A 190 -3.14 32.17 4.13
CA HIS A 190 -2.35 32.00 2.92
C HIS A 190 -3.22 32.33 1.71
N GLY A 191 -2.59 32.81 0.65
CA GLY A 191 -3.24 32.87 -0.64
C GLY A 191 -3.30 31.47 -1.23
N PRO A 192 -3.86 31.36 -2.44
CA PRO A 192 -4.05 30.04 -3.03
C PRO A 192 -2.75 29.24 -3.03
N ALA A 193 -2.86 27.97 -2.65
CA ALA A 193 -1.79 27.00 -2.79
C ALA A 193 -2.37 25.72 -3.38
N ARG A 194 -1.49 24.77 -3.67
CA ARG A 194 -1.88 23.40 -3.95
C ARG A 194 -1.98 22.66 -2.63
N VAL A 195 -3.17 22.15 -2.31
CA VAL A 195 -3.43 21.53 -1.01
C VAL A 195 -4.10 20.18 -1.22
N ALA A 196 -4.00 19.32 -0.21
CA ALA A 196 -4.61 18.00 -0.25
C ALA A 196 -5.12 17.56 1.12
N VAL A 197 -6.28 16.91 1.13
CA VAL A 197 -6.92 16.43 2.35
C VAL A 197 -7.03 14.91 2.28
N PHE A 198 -6.51 14.24 3.30
CA PHE A 198 -6.58 12.78 3.38
C PHE A 198 -7.74 12.39 4.27
N VAL A 199 -8.77 11.81 3.66
CA VAL A 199 -10.07 11.53 4.28
C VAL A 199 -10.28 10.02 4.35
N PRO A 200 -10.89 9.49 5.44
CA PRO A 200 -10.98 8.03 5.59
C PRO A 200 -11.78 7.33 4.49
N GLY A 201 -13.06 7.65 4.34
CA GLY A 201 -13.87 7.00 3.34
C GLY A 201 -14.44 7.94 2.30
N LEU A 202 -14.90 7.39 1.19
CA LEU A 202 -15.59 8.18 0.18
C LEU A 202 -16.87 8.81 0.74
N THR A 203 -17.47 8.21 1.77
CA THR A 203 -18.73 8.67 2.33
C THR A 203 -18.60 8.89 3.84
N GLY A 204 -19.57 9.61 4.40
CA GLY A 204 -19.64 9.85 5.83
C GLY A 204 -19.73 11.33 6.15
N LYS A 205 -19.81 11.62 7.45
CA LYS A 205 -19.79 13.01 7.89
C LYS A 205 -18.43 13.65 7.66
N ASN A 206 -17.37 12.84 7.62
CA ASN A 206 -16.03 13.27 7.20
C ASN A 206 -15.67 12.68 5.85
N GLY A 207 -16.66 12.43 5.00
CA GLY A 207 -16.41 11.76 3.75
C GLY A 207 -15.85 12.70 2.70
N ALA A 208 -15.06 12.13 1.78
CA ALA A 208 -14.49 12.92 0.70
C ALA A 208 -15.56 13.76 0.03
N LEU A 209 -16.68 13.15 -0.35
CA LEU A 209 -17.76 13.91 -0.97
C LEU A 209 -18.26 15.00 -0.04
N VAL A 211 -16.84 16.67 2.61
CA VAL A 211 -16.01 17.83 2.91
C VAL A 211 -15.73 18.66 1.66
N ALA A 212 -15.57 18.00 0.51
CA ALA A 212 -15.29 18.73 -0.73
C ALA A 212 -16.40 19.72 -1.01
N LYS A 213 -17.66 19.34 -0.78
CA LYS A 213 -18.76 20.28 -0.95
C LYS A 213 -18.62 21.47 -0.03
N HIS A 214 -18.26 21.23 1.24
CA HIS A 214 -18.13 22.32 2.20
C HIS A 214 -16.94 23.21 1.90
N ILE A 215 -15.84 22.64 1.39
CA ILE A 215 -14.72 23.46 0.96
C ILE A 215 -15.07 24.19 -0.34
N LYS A 216 -15.77 23.50 -1.25
CA LYS A 216 -16.23 24.15 -2.46
C LYS A 216 -16.97 25.45 -2.12
N GLN A 217 -17.82 25.41 -1.11
CA GLN A 217 -18.72 26.51 -0.79
C GLN A 217 -18.16 27.49 0.22
N THR A 218 -16.87 27.38 0.56
CA THR A 218 -16.28 28.35 1.47
C THR A 218 -15.01 28.94 0.88
N THR A 219 -14.02 28.11 0.61
CA THR A 219 -12.77 28.60 0.04
C THR A 219 -12.90 28.79 -1.47
N PRO A 220 -12.04 29.63 -2.05
CA PRO A 220 -12.03 29.77 -3.52
C PRO A 220 -11.33 28.63 -4.24
N TYR A 221 -10.84 27.64 -3.50
CA TYR A 221 -10.17 26.49 -4.11
C TYR A 221 -11.17 25.64 -4.89
N THR A 222 -10.70 25.01 -5.96
CA THR A 222 -11.49 24.03 -6.69
C THR A 222 -11.12 22.64 -6.19
N THR A 223 -12.13 21.83 -5.86
CA THR A 223 -11.93 20.54 -5.23
C THR A 223 -11.90 19.43 -6.27
N ILE A 224 -10.83 18.63 -6.21
CA ILE A 224 -10.63 17.47 -7.07
C ILE A 224 -10.71 16.26 -6.15
N VAL A 225 -11.83 15.53 -6.21
CA VAL A 225 -12.00 14.35 -5.38
C VAL A 225 -11.26 13.18 -6.04
N LEU A 226 -10.55 12.41 -5.22
CA LEU A 226 -9.79 11.25 -5.71
C LEU A 226 -10.09 10.05 -4.84
N SER A 227 -10.78 9.07 -5.41
CA SER A 227 -10.99 7.78 -4.78
C SER A 227 -10.68 6.70 -5.80
N ARG A 228 -10.49 5.48 -5.32
CA ARG A 228 -10.34 4.36 -6.25
C ARG A 228 -11.53 4.33 -7.21
N LYS A 229 -12.71 4.68 -6.70
CA LYS A 229 -13.92 4.75 -7.50
C LYS A 229 -13.83 5.81 -8.59
N THR A 230 -12.99 6.83 -8.43
CA THR A 230 -12.95 7.93 -9.37
C THR A 230 -11.54 8.38 -9.73
N TYR A 231 -10.51 7.64 -9.31
CA TYR A 231 -9.14 8.07 -9.54
C TYR A 231 -8.86 8.32 -11.02
N GLU A 232 -9.34 7.44 -11.89
CA GLU A 232 -8.88 7.43 -13.28
C GLU A 232 -9.35 8.64 -14.06
N ARG A 233 -10.52 9.18 -13.74
CA ARG A 233 -11.06 10.30 -14.49
C ARG A 233 -10.48 11.63 -14.01
N ASN A 234 -10.49 11.84 -12.69
CA ASN A 234 -10.15 13.15 -12.14
C ASN A 234 -8.64 13.38 -12.09
N ILE A 235 -7.84 12.32 -11.97
CA ILE A 235 -6.40 12.49 -11.89
C ILE A 235 -5.90 13.44 -12.97
N LYS A 236 -6.42 13.29 -14.19
CA LYS A 236 -6.06 14.21 -15.27
C LYS A 236 -6.30 15.64 -14.84
N LEU A 237 -7.47 15.92 -14.27
CA LEU A 237 -7.79 17.27 -13.81
C LEU A 237 -6.76 17.79 -12.82
N VAL A 238 -6.09 16.89 -12.09
CA VAL A 238 -5.20 17.32 -11.02
C VAL A 238 -3.94 18.03 -11.51
N PHE A 239 -3.64 17.93 -12.79
CA PHE A 239 -2.33 18.35 -13.29
C PHE A 239 -2.32 19.72 -13.93
N LYS A 240 -3.48 20.37 -14.03
CA LYS A 240 -3.52 21.74 -14.53
C LYS A 240 -3.12 22.71 -13.42
N GLN A 241 -2.65 23.88 -13.84
CA GLN A 241 -2.32 24.95 -12.89
C GLN A 241 -3.59 25.68 -12.51
N TYR A 242 -4.08 25.44 -11.29
CA TYR A 242 -5.31 26.07 -10.82
C TYR A 242 -4.96 27.33 -10.06
N PRO A 243 -5.37 28.52 -10.53
CA PRO A 243 -4.86 29.77 -9.95
C PRO A 243 -5.59 30.24 -8.70
N ARG A 244 -6.92 30.08 -8.66
CA ARG A 244 -7.66 30.42 -7.45
C ARG A 244 -7.41 29.40 -6.34
N GLY A 245 -6.91 28.22 -6.66
CA GLY A 245 -6.54 27.24 -5.66
C GLY A 245 -7.07 25.85 -5.95
N CYS A 247 -7.77 21.89 -4.23
CA CYS A 247 -7.88 21.07 -3.02
C CYS A 247 -8.18 19.62 -3.42
N VAL A 248 -7.15 18.78 -3.38
CA VAL A 248 -7.32 17.35 -3.53
C VAL A 248 -7.90 16.79 -2.24
N VAL A 249 -9.12 16.28 -2.32
CA VAL A 249 -9.71 15.49 -1.25
C VAL A 249 -9.58 14.04 -1.67
N THR A 250 -8.81 13.24 -0.93
CA THR A 250 -8.41 11.93 -1.38
C THR A 250 -8.55 10.89 -0.28
N THR A 251 -8.86 9.66 -0.70
CA THR A 251 -8.73 8.48 0.14
C THR A 251 -7.28 8.06 0.07
N SER A 252 -6.95 6.84 0.49
CA SER A 252 -5.53 6.52 0.60
C SER A 252 -4.91 6.08 -0.72
N ILE A 253 -5.62 6.11 -1.85
CA ILE A 253 -4.98 5.74 -3.10
C ILE A 253 -3.83 6.69 -3.38
N SER A 254 -4.05 7.99 -3.16
CA SER A 254 -3.01 8.99 -3.40
C SER A 254 -1.77 8.75 -2.55
N GLU A 255 -1.91 7.97 -1.49
CA GLU A 255 -0.83 7.73 -0.54
C GLU A 255 0.42 7.17 -1.20
N ASP A 261 2.05 16.65 -6.28
CA ASP A 261 2.97 17.72 -5.91
C ASP A 261 2.21 18.95 -5.42
N LEU A 262 2.54 19.43 -4.21
CA LEU A 262 1.70 20.44 -3.58
C LEU A 262 2.42 21.05 -2.38
N ASP A 263 1.75 22.02 -1.74
CA ASP A 263 2.36 22.86 -0.71
C ASP A 263 1.90 22.53 0.71
N ALA A 264 0.79 21.83 0.90
CA ALA A 264 0.35 21.49 2.26
C ALA A 264 -0.55 20.25 2.23
N VAL A 265 -0.68 19.63 3.40
CA VAL A 265 -1.45 18.39 3.59
C VAL A 265 -2.27 18.50 4.87
N PHE A 266 -3.57 18.21 4.79
CA PHE A 266 -4.44 18.18 5.96
C PHE A 266 -4.83 16.72 6.23
N ASP A 267 -4.52 16.24 7.42
CA ASP A 267 -4.67 14.82 7.77
C ASP A 267 -5.84 14.67 8.73
N THR A 268 -6.88 13.98 8.27
CA THR A 268 -7.89 13.46 9.19
C THR A 268 -7.25 12.59 10.26
N CYS A 269 -6.22 11.83 9.88
CA CYS A 269 -5.60 10.83 10.73
C CYS A 269 -6.60 9.70 11.03
N GLN A 270 -7.29 9.25 9.98
CA GLN A 270 -8.33 8.25 10.08
C GLN A 270 -8.44 7.48 8.76
N GLN A 271 -8.75 6.19 8.84
CA GLN A 271 -8.85 5.34 7.66
C GLN A 271 -10.05 4.41 7.76
N TYR A 272 -10.46 3.90 6.61
CA TYR A 272 -11.61 2.98 6.50
C TYR A 272 -11.05 1.57 6.27
N HIS A 273 -10.60 0.94 7.35
CA HIS A 273 -10.26 -0.46 7.31
C HIS A 273 -11.52 -1.32 7.23
N TYR A 274 -11.33 -2.54 6.76
CA TYR A 274 -12.18 -3.66 7.12
C TYR A 274 -11.46 -4.47 8.19
N LEU A 275 -12.20 -4.93 9.20
CA LEU A 275 -11.63 -5.59 10.37
C LEU A 275 -12.32 -6.93 10.60
N VAL A 276 -11.58 -7.89 11.15
CA VAL A 276 -12.12 -9.21 11.44
C VAL A 276 -12.85 -9.16 12.79
N THR A 277 -14.09 -9.64 12.81
CA THR A 277 -14.97 -9.44 13.96
C THR A 277 -15.43 -10.73 14.63
N ALA A 278 -14.96 -11.89 14.17
CA ALA A 278 -15.28 -13.20 14.76
C ALA A 278 -16.54 -13.81 14.16
N VAL A 279 -17.39 -13.00 13.53
CA VAL A 279 -18.45 -13.51 12.68
C VAL A 279 -18.15 -13.29 11.21
N GLY A 280 -17.04 -12.63 10.90
CA GLY A 280 -16.74 -12.24 9.53
C GLY A 280 -15.91 -10.96 9.54
N THR A 281 -16.26 -10.02 8.67
CA THR A 281 -15.61 -8.72 8.64
C THR A 281 -16.65 -7.62 8.68
N LYS A 282 -16.24 -6.45 9.17
CA LYS A 282 -17.05 -5.25 9.17
C LYS A 282 -16.16 -4.06 8.82
N GLY A 283 -16.76 -3.06 8.18
CA GLY A 283 -16.07 -1.82 7.86
C GLY A 283 -16.14 -0.78 8.96
N VAL A 284 -14.98 -0.32 9.43
CA VAL A 284 -14.92 0.63 10.54
C VAL A 284 -13.89 1.71 10.23
N ILE A 285 -14.08 2.89 10.85
CA ILE A 285 -13.12 3.97 10.80
C ILE A 285 -12.19 3.84 12.00
N THR A 286 -10.89 4.01 11.76
CA THR A 286 -9.83 3.75 12.71
C THR A 286 -8.84 4.90 12.70
N PRO A 287 -8.18 5.17 13.83
CA PRO A 287 -6.97 5.99 13.78
C PRO A 287 -5.93 5.33 12.88
N SER A 288 -5.59 6.01 11.79
CA SER A 288 -4.59 5.48 10.88
C SER A 288 -3.33 5.06 11.62
N THR A 289 -2.58 4.15 11.02
CA THR A 289 -1.37 3.64 11.64
C THR A 289 -0.25 4.67 11.50
N GLN A 290 0.77 4.52 12.35
CA GLN A 290 1.94 5.37 12.25
C GLN A 290 2.50 5.39 10.84
N ALA A 291 2.56 4.22 10.21
CA ALA A 291 3.11 4.14 8.86
C ALA A 291 2.21 4.83 7.84
N GLN A 292 0.90 4.80 8.07
CA GLN A 292 -0.03 5.48 7.17
C GLN A 292 0.19 7.00 7.19
N THR A 293 0.17 7.60 8.38
CA THR A 293 0.37 9.04 8.49
C THR A 293 1.78 9.44 8.07
N CYS A 294 2.76 8.58 8.32
CA CYS A 294 4.11 8.87 7.87
C CYS A 294 4.18 9.03 6.35
N GLN A 295 3.36 8.30 5.62
CA GLN A 295 3.30 8.42 4.17
C GLN A 295 2.39 9.55 3.70
N ARG A 296 1.29 9.78 4.41
CA ARG A 296 0.43 10.91 4.11
C ARG A 296 1.17 12.22 4.33
N ARG A 297 1.95 12.31 5.40
CA ARG A 297 2.84 13.46 5.58
C ARG A 297 3.86 13.52 4.46
N GLY A 298 4.53 12.40 4.19
CA GLY A 298 5.60 12.36 3.21
C GLY A 298 5.27 12.84 1.82
N ARG A 299 4.07 13.40 1.61
CA ARG A 299 3.74 13.88 0.28
C ARG A 299 4.23 15.31 0.02
N ILE A 300 4.54 16.09 1.05
CA ILE A 300 4.66 17.53 0.87
C ILE A 300 6.11 17.99 0.88
N GLY A 301 6.98 17.29 1.57
CA GLY A 301 8.34 17.80 1.70
C GLY A 301 9.26 17.44 0.58
N ARG A 302 8.76 16.89 -0.53
CA ARG A 302 9.66 16.29 -1.51
C ARG A 302 10.28 17.34 -2.42
N ARG A 303 9.47 18.23 -3.00
CA ARG A 303 9.95 19.20 -3.97
C ARG A 303 9.85 20.64 -3.47
N ARG A 304 9.37 20.84 -2.25
CA ARG A 304 9.02 22.18 -1.80
C ARG A 304 8.80 22.14 -0.29
N GLU A 305 9.13 23.24 0.37
CA GLU A 305 8.64 23.42 1.73
C GLU A 305 7.16 23.07 1.76
N GLY A 306 6.73 22.51 2.90
CA GLY A 306 5.34 22.15 3.04
C GLY A 306 4.95 22.09 4.49
N GLY A 307 3.65 22.27 4.74
CA GLY A 307 3.09 22.22 6.07
C GLY A 307 2.20 21.01 6.24
N TYR A 308 2.13 20.50 7.46
CA TYR A 308 1.38 19.30 7.78
C TYR A 308 0.46 19.58 8.95
N TYR A 309 -0.84 19.39 8.74
CA TYR A 309 -1.86 19.67 9.74
C TYR A 309 -2.54 18.35 10.14
N ARG A 310 -2.31 17.94 11.39
CA ARG A 310 -2.97 16.81 12.04
C ARG A 310 -3.87 17.32 13.16
N PRO A 311 -4.92 16.59 13.53
CA PRO A 311 -5.77 17.06 14.63
C PRO A 311 -5.08 16.91 15.97
N ALA A 312 -5.29 17.90 16.85
CA ALA A 312 -4.73 17.85 18.19
C ALA A 312 -5.02 16.50 18.84
N ASN A 313 -6.27 16.07 18.79
CA ASN A 313 -6.69 14.81 19.39
C ASN A 313 -6.35 13.67 18.41
N TYR A 314 -5.05 13.46 18.21
CA TYR A 314 -4.54 12.29 17.51
C TYR A 314 -3.28 11.77 18.17
N ASP A 315 -3.33 10.50 18.55
CA ASP A 315 -2.29 9.83 19.33
C ASP A 315 -1.31 9.13 18.40
N ILE A 316 -0.32 9.87 17.89
CA ILE A 316 0.67 9.22 17.04
C ILE A 316 1.47 8.23 17.88
N THR A 317 1.85 8.64 19.08
CA THR A 317 2.61 7.78 19.99
C THR A 317 1.92 6.44 20.23
N GLN A 318 0.59 6.45 20.24
CA GLN A 318 -0.21 5.36 20.75
C GLN A 318 -1.00 4.62 19.68
N ALA A 319 -0.90 5.03 18.41
CA ALA A 319 -1.57 4.32 17.33
C ALA A 319 -0.74 3.13 16.87
N PRO A 320 -1.34 2.20 16.14
CA PRO A 320 -0.59 1.00 15.74
C PRO A 320 0.45 1.32 14.70
N VAL A 321 1.62 0.71 14.84
CA VAL A 321 2.78 1.04 14.01
C VAL A 321 2.49 0.74 12.54
N LEU A 322 2.44 -0.53 12.18
CA LEU A 322 2.34 -0.93 10.78
C LEU A 322 0.92 -1.31 10.35
N ASP A 323 0.23 -2.11 11.16
CA ASP A 323 -1.09 -2.60 10.81
C ASP A 323 -1.96 -2.61 12.06
N HIS A 324 -3.22 -2.26 11.89
CA HIS A 324 -4.17 -2.42 12.98
C HIS A 324 -4.22 -3.90 13.37
N PRO A 325 -4.26 -4.21 14.67
CA PRO A 325 -3.99 -5.59 15.11
C PRO A 325 -4.80 -6.67 14.43
N ASP A 326 -6.05 -6.43 14.05
CA ASP A 326 -6.84 -7.46 13.40
C ASP A 326 -7.54 -6.86 12.18
N SER A 327 -6.73 -6.31 11.27
CA SER A 327 -7.21 -5.88 9.97
C SER A 327 -7.26 -7.07 9.01
N VAL A 328 -8.28 -7.06 8.16
CA VAL A 328 -8.48 -8.19 7.26
C VAL A 328 -7.34 -8.34 6.26
N THR A 329 -6.55 -7.31 6.03
CA THR A 329 -5.35 -7.51 5.24
C THR A 329 -4.34 -8.37 5.97
N LEU A 330 -4.32 -8.28 7.30
CA LEU A 330 -3.42 -9.14 8.07
C LEU A 330 -3.96 -10.57 8.13
N LEU A 331 -5.28 -10.73 7.98
CA LEU A 331 -5.84 -12.07 7.87
C LEU A 331 -5.45 -12.72 6.54
N GLU A 332 -5.71 -12.04 5.42
CA GLU A 332 -5.44 -12.66 4.12
C GLU A 332 -3.95 -12.92 3.94
N ALA A 333 -3.09 -12.06 4.48
CA ALA A 333 -1.66 -12.30 4.36
C ALA A 333 -1.24 -13.55 5.14
N ASN A 334 -1.72 -13.68 6.39
CA ASN A 334 -1.35 -14.84 7.20
C ASN A 334 -1.97 -16.11 6.62
N CYS A 336 -2.44 -16.84 3.53
CA CYS A 336 -1.53 -17.26 2.46
C CYS A 336 -0.21 -17.76 3.01
N LEU A 337 0.34 -17.07 4.01
CA LEU A 337 1.62 -17.48 4.57
C LEU A 337 1.53 -18.84 5.22
N ARG A 338 0.36 -19.20 5.78
CA ARG A 338 0.26 -20.49 6.45
C ARG A 338 0.16 -21.63 5.44
N ALA A 339 -0.62 -21.43 4.36
CA ALA A 339 -0.69 -22.42 3.29
C ALA A 339 0.69 -22.69 2.71
N LEU A 340 1.47 -21.64 2.49
CA LEU A 340 2.83 -21.78 1.98
C LEU A 340 3.84 -22.11 3.07
N ASP A 341 3.40 -22.26 4.32
CA ASP A 341 4.29 -22.66 5.41
C ASP A 341 5.48 -21.72 5.51
N LEU A 342 5.18 -20.43 5.52
CA LEU A 342 6.10 -19.32 5.72
C LEU A 342 5.89 -18.70 7.09
N PRO A 343 6.88 -17.96 7.61
CA PRO A 343 6.67 -17.22 8.85
C PRO A 343 5.53 -16.23 8.74
N GLU A 344 4.79 -16.08 9.83
CA GLU A 344 3.57 -15.29 9.84
C GLU A 344 3.81 -13.94 10.54
N GLU A 345 2.78 -13.12 10.53
CA GLU A 345 2.86 -11.74 10.98
C GLU A 345 2.13 -11.56 12.31
N PRO A 346 2.64 -10.72 13.20
CA PRO A 346 1.90 -10.38 14.41
C PRO A 346 0.49 -9.91 14.07
N CYS A 347 -0.51 -10.45 14.77
CA CYS A 347 -1.89 -10.11 14.51
C CYS A 347 -2.75 -10.30 15.75
N GLY A 348 -3.99 -9.81 15.67
CA GLY A 348 -4.92 -9.87 16.78
C GLY A 348 -5.41 -11.28 17.08
N ALA A 349 -6.33 -11.35 18.04
CA ALA A 349 -6.90 -12.63 18.43
C ALA A 349 -8.03 -13.04 17.49
N ALA A 350 -8.82 -12.07 17.03
CA ALA A 350 -9.91 -12.35 16.11
C ALA A 350 -9.41 -12.82 14.74
N VAL A 351 -8.15 -12.54 14.41
CA VAL A 351 -7.58 -13.07 13.17
C VAL A 351 -7.14 -14.51 13.37
N GLN A 352 -6.38 -14.77 14.42
CA GLN A 352 -6.01 -16.15 14.75
C GLN A 352 -7.22 -17.06 14.74
N GLN A 353 -8.30 -16.62 15.38
CA GLN A 353 -9.56 -17.36 15.35
C GLN A 353 -10.04 -17.56 13.92
N ALA A 354 -9.99 -16.50 13.12
CA ALA A 354 -10.51 -16.58 11.76
C ALA A 354 -9.61 -17.44 10.86
N LEU A 356 -8.54 -20.14 11.64
CA LEU A 356 -8.93 -21.52 11.93
C LEU A 356 -10.21 -21.89 11.19
N ARG A 357 -11.19 -20.98 11.15
CA ARG A 357 -12.39 -21.24 10.36
C ARG A 357 -12.09 -21.28 8.88
N LEU A 358 -11.11 -20.50 8.43
CA LEU A 358 -10.76 -20.36 7.03
C LEU A 358 -9.33 -20.82 6.86
N GLN A 359 -9.14 -21.90 6.08
CA GLN A 359 -7.82 -22.48 5.87
C GLN A 359 -7.72 -22.88 4.42
N PRO A 360 -7.30 -21.97 3.55
CA PRO A 360 -7.09 -22.33 2.15
C PRO A 360 -5.89 -23.24 2.00
N SER A 361 -5.82 -23.90 0.86
CA SER A 361 -4.72 -24.80 0.53
C SER A 361 -3.72 -24.07 -0.34
N LYS A 362 -2.49 -24.57 -0.32
CA LYS A 362 -1.41 -23.99 -1.10
C LYS A 362 -1.91 -23.53 -2.47
N ASP A 363 -2.70 -24.35 -3.16
CA ASP A 363 -3.10 -24.01 -4.52
C ASP A 363 -4.27 -23.03 -4.58
N GLN A 364 -5.21 -23.10 -3.64
CA GLN A 364 -6.21 -22.04 -3.59
C GLN A 364 -5.58 -20.67 -3.43
N VAL A 365 -4.44 -20.55 -2.73
CA VAL A 365 -3.82 -19.23 -2.62
C VAL A 365 -2.94 -18.94 -3.83
N TYR A 366 -2.39 -19.97 -4.49
CA TYR A 366 -1.73 -19.76 -5.76
C TYR A 366 -2.72 -19.22 -6.79
N ARG A 367 -3.84 -19.91 -6.98
CA ARG A 367 -4.80 -19.44 -7.99
C ARG A 367 -5.23 -17.97 -7.73
N TRP A 368 -5.38 -17.62 -6.46
CA TRP A 368 -5.71 -16.25 -6.10
C TRP A 368 -4.58 -15.31 -6.47
N LEU A 369 -3.36 -15.68 -6.12
CA LEU A 369 -2.21 -14.80 -6.28
C LEU A 369 -1.74 -14.72 -7.73
N THR A 370 -2.14 -15.66 -8.58
CA THR A 370 -1.61 -15.74 -9.95
C THR A 370 -2.61 -15.42 -11.06
N GLU A 371 -3.88 -15.78 -10.95
CA GLU A 371 -4.87 -15.31 -11.92
C GLU A 371 -5.48 -13.97 -11.55
N GLN A 372 -5.39 -13.62 -10.27
CA GLN A 372 -5.56 -12.25 -9.75
C GLN A 372 -6.78 -11.56 -10.34
N ASP A 373 -7.95 -12.20 -10.14
CA ASP A 373 -9.21 -11.60 -10.54
C ASP A 373 -10.29 -11.82 -9.49
N THR A 374 -9.88 -12.08 -8.24
CA THR A 374 -10.76 -12.14 -7.08
C THR A 374 -10.11 -11.25 -6.02
N GLU A 375 -10.79 -10.19 -5.60
CA GLU A 375 -10.14 -9.27 -4.66
C GLU A 375 -9.93 -9.94 -3.30
N THR A 376 -10.89 -10.76 -2.86
CA THR A 376 -10.83 -11.40 -1.55
C THR A 376 -10.36 -12.84 -1.68
N LEU A 377 -9.41 -13.23 -0.83
CA LEU A 377 -9.04 -14.64 -0.74
C LEU A 377 -10.22 -15.48 -0.29
N THR A 378 -11.08 -14.93 0.57
CA THR A 378 -12.27 -15.66 0.99
C THR A 378 -13.11 -16.07 -0.21
N GLU A 379 -13.29 -15.18 -1.19
CA GLU A 379 -14.10 -15.54 -2.34
C GLU A 379 -13.34 -16.48 -3.28
N ALA A 380 -12.01 -16.37 -3.33
CA ALA A 380 -11.23 -17.30 -4.14
C ALA A 380 -11.47 -18.74 -3.70
N ALA A 382 -14.25 -19.86 -2.72
CA ALA A 382 -15.53 -20.28 -3.27
C ALA A 382 -15.39 -20.75 -4.71
N ILE A 383 -14.48 -20.17 -5.49
CA ILE A 383 -14.44 -20.47 -6.92
C ILE A 383 -13.37 -21.52 -7.25
N TYR A 384 -12.30 -21.56 -6.48
CA TYR A 384 -11.25 -22.56 -6.69
C TYR A 384 -11.40 -23.67 -5.66
N SER A 385 -11.36 -24.91 -6.13
CA SER A 385 -11.49 -26.06 -5.26
C SER A 385 -10.27 -26.15 -4.35
N ALA A 386 -10.26 -27.19 -3.50
CA ALA A 386 -9.10 -27.42 -2.65
C ALA A 386 -7.87 -27.81 -3.47
N GLU A 387 -8.06 -28.33 -4.67
CA GLU A 387 -6.96 -28.74 -5.53
C GLU A 387 -6.59 -27.67 -6.56
N GLY A 388 -7.24 -26.52 -6.52
CA GLY A 388 -6.89 -25.40 -7.35
C GLY A 388 -7.65 -25.31 -8.65
N GLY A 389 -8.52 -26.28 -8.94
CA GLY A 389 -9.28 -26.25 -10.16
C GLY A 389 -10.57 -25.46 -10.01
N ARG A 390 -11.04 -24.96 -11.16
CA ARG A 390 -12.29 -24.21 -11.19
C ARG A 390 -13.47 -25.09 -10.79
N ARG A 391 -14.37 -24.52 -10.00
CA ARG A 391 -15.56 -25.20 -9.52
C ARG A 391 -16.75 -24.88 -10.40
N SER A 392 -17.70 -25.81 -10.45
CA SER A 392 -18.92 -25.61 -11.19
C SER A 392 -19.64 -24.36 -10.68
N ARG A 393 -20.68 -23.96 -11.42
CA ARG A 393 -21.50 -22.83 -10.98
C ARG A 393 -22.28 -23.19 -9.72
N GLU A 394 -22.85 -24.40 -9.68
CA GLU A 394 -23.63 -24.81 -8.52
C GLU A 394 -22.74 -25.14 -7.33
N GLN A 395 -21.51 -25.61 -7.58
CA GLN A 395 -20.55 -25.77 -6.49
C GLN A 395 -20.10 -24.43 -5.93
N GLU A 396 -19.79 -23.48 -6.82
CA GLU A 396 -19.41 -22.14 -6.38
C GLU A 396 -20.49 -21.54 -5.48
N ARG A 397 -21.76 -21.75 -5.82
CA ARG A 397 -22.85 -21.14 -5.06
C ARG A 397 -23.12 -21.88 -3.76
N ALA A 398 -22.96 -23.21 -3.75
CA ALA A 398 -23.11 -23.95 -2.51
C ALA A 398 -22.05 -23.52 -1.50
N ILE A 399 -20.81 -23.31 -1.95
CA ILE A 399 -19.70 -23.08 -1.04
C ILE A 399 -19.78 -21.69 -0.43
N ARG A 400 -20.16 -20.69 -1.21
CA ARG A 400 -20.20 -19.34 -0.65
C ARG A 400 -21.35 -19.18 0.32
N ASN A 401 -22.44 -19.94 0.14
CA ASN A 401 -23.53 -19.91 1.10
C ASN A 401 -23.14 -20.65 2.37
N ARG A 402 -22.47 -21.78 2.23
CA ARG A 402 -21.95 -22.48 3.40
C ARG A 402 -20.98 -21.60 4.18
N ARG A 404 -20.91 -18.44 4.49
CA ARG A 404 -21.59 -17.38 5.23
C ARG A 404 -22.16 -17.89 6.54
N SER A 405 -22.29 -19.21 6.70
CA SER A 405 -22.71 -19.76 7.98
C SER A 405 -21.73 -19.40 9.10
N TYR A 406 -20.46 -19.17 8.78
CA TYR A 406 -19.48 -18.90 9.83
C TYR A 406 -18.64 -17.66 9.59
N PHE A 407 -18.25 -17.37 8.34
CA PHE A 407 -17.49 -16.16 8.05
C PHE A 407 -18.26 -15.31 7.05
N ASN A 408 -18.73 -14.16 7.51
CA ASN A 408 -19.49 -13.23 6.68
C ASN A 408 -18.56 -12.10 6.28
N ASP A 409 -17.93 -12.25 5.12
CA ASP A 409 -17.07 -11.21 4.58
C ASP A 409 -17.95 -10.07 4.09
N ALA A 410 -17.81 -8.89 4.70
CA ALA A 410 -18.60 -7.73 4.31
C ALA A 410 -18.03 -7.01 3.11
N ARG A 411 -16.98 -7.57 2.52
CA ARG A 411 -16.42 -7.07 1.26
C ARG A 411 -17.04 -7.73 0.02
N TRP A 412 -17.94 -8.69 0.26
CA TRP A 412 -18.73 -9.29 -0.82
C TRP A 412 -19.93 -8.40 -1.24
N GLU A 413 -20.01 -7.21 -0.65
CA GLU A 413 -20.99 -6.19 -1.03
C GLU A 413 -20.30 -4.96 -1.59
N ARG A 414 -19.48 -4.29 -0.79
CA ARG A 414 -18.80 -3.07 -1.18
C ARG A 414 -17.34 -3.11 -0.75
#